data_9IJC
#
_entry.id   9IJC
#
_cell.length_a   46.370
_cell.length_b   76.833
_cell.length_c   100.329
_cell.angle_alpha   90.00
_cell.angle_beta   90.00
_cell.angle_gamma   90.00
#
_symmetry.space_group_name_H-M   'P 21 21 21'
#
loop_
_entity.id
_entity.type
_entity.pdbx_description
1 polymer 'GH16 domain-containing protein'
2 water water
#
_entity_poly.entity_id   1
_entity_poly.type   'polypeptide(L)'
_entity_poly.pdbx_seq_one_letter_code
;TGGQQMGRGSEFDNITSDDHVVDTPGDTDNDHDGGEEPNPAYPLSDQSNEGDWVLNTEMSDEFELPLDEDKWLIQGRNNE
YQSRFIGRAPSQFSVNNAYTESGKLKIVTKWEPDYDFRLKFNGDDHDVVNGEKIYFENITTAAVISKKQFRYGYMEIKCK
SANAPITSSFWTTGKNTSEMDMFEMFGGHKTNDSWRKRLKFNIISWDPNNPNYFNKINGPVFTQNIQVGNNTAGDFHVYG
FDWTADYIKVYYDGVLLPEYTILKSELTNNNTNPDKWVTDSDYWIWFDSETFPWLGIPKEEDLPAEYQIEYLRVWQKNKI
Q
;
_entity_poly.pdbx_strand_id   A
#
# COMPACT_ATOMS: atom_id res chain seq x y z
N PRO A 38 -22.57 -6.16 10.25
CA PRO A 38 -22.14 -7.15 9.25
C PRO A 38 -21.35 -8.27 9.88
N ASN A 39 -21.22 -9.38 9.16
CA ASN A 39 -20.51 -10.54 9.66
C ASN A 39 -19.03 -10.44 9.31
N PRO A 40 -18.13 -10.35 10.29
CA PRO A 40 -16.70 -10.19 9.96
C PRO A 40 -16.07 -11.43 9.37
N ALA A 41 -16.78 -12.56 9.31
CA ALA A 41 -16.20 -13.78 8.76
C ALA A 41 -16.12 -13.74 7.26
N TYR A 42 -16.83 -12.82 6.62
CA TYR A 42 -16.88 -12.74 5.17
C TYR A 42 -16.60 -11.33 4.71
N PRO A 43 -16.15 -11.16 3.47
CA PRO A 43 -15.99 -9.81 2.92
C PRO A 43 -17.26 -9.01 3.08
N LEU A 44 -17.11 -7.71 3.36
CA LEU A 44 -18.26 -6.85 3.51
C LEU A 44 -19.11 -6.82 2.24
N SER A 45 -18.49 -7.03 1.09
CA SER A 45 -19.19 -7.03 -0.18
C SER A 45 -19.75 -8.41 -0.55
N ASP A 46 -19.49 -9.43 0.25
CA ASP A 46 -19.95 -10.80 -0.04
C ASP A 46 -20.45 -11.45 1.24
N GLN A 47 -21.45 -10.82 1.84
CA GLN A 47 -21.97 -11.29 3.12
C GLN A 47 -22.73 -12.59 3.01
N SER A 48 -23.19 -12.97 1.81
CA SER A 48 -23.75 -14.31 1.65
C SER A 48 -22.69 -15.35 1.32
N ASN A 49 -21.42 -14.94 1.23
CA ASN A 49 -20.31 -15.86 1.03
C ASN A 49 -20.44 -16.64 -0.27
N GLU A 50 -20.81 -15.95 -1.35
CA GLU A 50 -20.79 -16.59 -2.66
C GLU A 50 -19.39 -17.04 -3.04
N GLY A 51 -18.37 -16.37 -2.51
CA GLY A 51 -17.02 -16.78 -2.80
C GLY A 51 -16.50 -17.99 -2.06
N ASP A 52 -17.26 -18.57 -1.14
CA ASP A 52 -16.76 -19.68 -0.32
C ASP A 52 -15.40 -19.32 0.29
N TRP A 53 -15.41 -18.20 1.00
CA TRP A 53 -14.19 -17.60 1.48
C TRP A 53 -13.73 -18.23 2.79
N VAL A 54 -12.43 -18.40 2.91
CA VAL A 54 -11.78 -18.88 4.13
C VAL A 54 -10.69 -17.89 4.49
N LEU A 55 -10.70 -17.40 5.73
CA LEU A 55 -9.76 -16.38 6.13
C LEU A 55 -8.36 -16.97 6.13
N ASN A 56 -7.42 -16.30 5.47
CA ASN A 56 -6.00 -16.64 5.56
C ASN A 56 -5.44 -15.98 6.81
N THR A 57 -5.23 -16.78 7.85
CA THR A 57 -4.84 -16.22 9.14
C THR A 57 -3.41 -15.70 9.13
N GLU A 58 -2.54 -16.27 8.28
CA GLU A 58 -1.16 -15.81 8.13
C GLU A 58 -1.07 -14.37 7.65
N MET A 59 -2.03 -13.95 6.81
CA MET A 59 -2.00 -12.64 6.16
C MET A 59 -2.96 -11.65 6.79
N SER A 60 -3.73 -12.06 7.80
CA SER A 60 -4.80 -11.25 8.35
C SER A 60 -4.47 -10.83 9.77
N ASP A 61 -5.06 -9.70 10.18
CA ASP A 61 -4.84 -9.23 11.54
C ASP A 61 -5.90 -8.21 11.90
N GLU A 62 -6.48 -8.36 13.10
CA GLU A 62 -7.43 -7.40 13.63
C GLU A 62 -6.75 -6.32 14.47
N PHE A 63 -5.45 -6.48 14.71
CA PHE A 63 -4.59 -5.51 15.38
C PHE A 63 -5.15 -5.10 16.75
N GLU A 64 -5.70 -6.07 17.45
CA GLU A 64 -6.24 -5.86 18.79
C GLU A 64 -5.21 -6.17 19.88
N LEU A 65 -4.04 -6.65 19.50
CA LEU A 65 -2.95 -6.98 20.39
C LEU A 65 -1.71 -6.19 20.00
N PRO A 66 -0.65 -6.18 20.81
CA PRO A 66 0.61 -5.58 20.36
C PRO A 66 1.05 -6.22 19.06
N LEU A 67 1.67 -5.40 18.21
CA LEU A 67 2.00 -5.85 16.87
C LEU A 67 2.81 -7.15 16.93
N ASP A 68 2.31 -8.16 16.21
CA ASP A 68 2.90 -9.49 16.18
C ASP A 68 4.06 -9.47 15.19
N GLU A 69 5.28 -9.33 15.70
CA GLU A 69 6.44 -9.25 14.82
C GLU A 69 6.92 -10.61 14.32
N ASP A 70 6.21 -11.69 14.65
CA ASP A 70 6.42 -12.94 13.92
C ASP A 70 5.58 -12.99 12.64
N LYS A 71 4.50 -12.20 12.60
CA LYS A 71 3.65 -12.06 11.42
C LYS A 71 4.06 -10.88 10.56
N TRP A 72 4.55 -9.81 11.17
CA TRP A 72 4.76 -8.54 10.48
C TRP A 72 6.19 -8.07 10.67
N LEU A 73 6.80 -7.64 9.58
CA LEU A 73 8.08 -6.95 9.64
C LEU A 73 7.81 -5.45 9.79
N ILE A 74 8.27 -4.87 10.88
CA ILE A 74 8.40 -3.42 10.95
C ILE A 74 9.66 -3.08 10.19
N GLN A 75 9.53 -2.37 9.09
CA GLN A 75 10.67 -2.10 8.24
C GLN A 75 11.81 -1.49 9.05
N GLY A 76 12.99 -2.11 8.94
CA GLY A 76 14.16 -1.69 9.69
C GLY A 76 14.40 -2.44 10.99
N ARG A 77 13.46 -3.27 11.43
CA ARG A 77 13.66 -4.03 12.66
C ARG A 77 14.90 -4.91 12.52
N ASN A 78 15.83 -4.74 13.46
CA ASN A 78 17.10 -5.47 13.43
C ASN A 78 17.78 -5.36 12.06
N ASN A 79 17.69 -4.16 11.47
CA ASN A 79 18.32 -3.82 10.19
C ASN A 79 17.81 -4.68 9.04
N GLU A 80 16.60 -5.22 9.16
CA GLU A 80 15.98 -5.93 8.05
C GLU A 80 15.12 -4.94 7.26
N TYR A 81 15.42 -4.80 5.96
CA TYR A 81 14.68 -3.93 5.06
C TYR A 81 14.18 -4.74 3.88
N GLN A 82 12.88 -4.99 3.84
CA GLN A 82 12.26 -5.55 2.66
C GLN A 82 12.58 -4.66 1.45
N SER A 83 13.01 -5.28 0.35
CA SER A 83 13.41 -4.60 -0.88
C SER A 83 14.50 -3.56 -0.67
N ARG A 84 15.26 -3.66 0.43
CA ARG A 84 16.33 -2.69 0.76
C ARG A 84 15.82 -1.26 0.69
N PHE A 85 14.56 -1.07 1.07
CA PHE A 85 13.86 0.21 0.89
C PHE A 85 13.81 0.92 2.22
N ILE A 86 14.68 1.92 2.40
CA ILE A 86 14.77 2.58 3.70
C ILE A 86 13.77 3.71 3.84
N GLY A 87 13.02 4.02 2.78
CA GLY A 87 12.08 5.11 2.79
C GLY A 87 12.24 5.95 1.55
N ARG A 88 11.22 6.73 1.22
CA ARG A 88 11.25 7.60 0.06
C ARG A 88 11.56 9.02 0.51
N ALA A 89 12.71 9.53 0.08
CA ALA A 89 13.20 10.82 0.58
C ALA A 89 12.19 11.93 0.33
N PRO A 90 12.11 12.91 1.23
CA PRO A 90 12.94 13.11 2.44
C PRO A 90 12.63 12.17 3.60
N SER A 91 11.48 11.49 3.60
CA SER A 91 11.10 10.65 4.72
C SER A 91 11.97 9.40 4.78
N GLN A 92 12.07 8.84 5.97
CA GLN A 92 12.70 7.55 6.15
C GLN A 92 11.86 6.75 7.13
N PHE A 93 11.83 5.43 6.93
CA PHE A 93 11.05 4.54 7.80
C PHE A 93 11.74 4.40 9.14
N SER A 94 10.98 4.60 10.22
CA SER A 94 11.48 4.39 11.57
C SER A 94 10.79 3.19 12.20
N VAL A 95 11.54 2.40 12.95
CA VAL A 95 10.93 1.27 13.64
C VAL A 95 10.00 1.74 14.75
N ASN A 96 10.09 3.00 15.17
CA ASN A 96 9.29 3.55 16.25
C ASN A 96 7.96 4.11 15.78
N ASN A 97 7.70 4.08 14.48
CA ASN A 97 6.52 4.72 13.91
C ASN A 97 5.48 3.71 13.47
N ALA A 98 5.63 2.45 13.84
CA ALA A 98 4.61 1.42 13.59
C ALA A 98 4.35 0.68 14.87
N TYR A 99 3.09 0.63 15.29
CA TYR A 99 2.68 -0.06 16.50
C TYR A 99 1.17 -0.12 16.48
N THR A 100 0.61 -1.04 17.25
CA THR A 100 -0.84 -1.03 17.39
C THR A 100 -1.26 -0.21 18.59
N GLU A 101 -2.45 0.37 18.48
CA GLU A 101 -2.99 1.27 19.50
C GLU A 101 -4.49 1.38 19.22
N SER A 102 -5.31 1.23 20.27
CA SER A 102 -6.75 1.43 20.14
C SER A 102 -7.37 0.46 19.13
N GLY A 103 -6.79 -0.73 19.00
CA GLY A 103 -7.32 -1.69 18.05
C GLY A 103 -6.89 -1.50 16.62
N LYS A 104 -5.94 -0.61 16.36
CA LYS A 104 -5.55 -0.30 14.99
C LYS A 104 -4.04 -0.40 14.87
N LEU A 105 -3.57 -0.84 13.71
CA LEU A 105 -2.18 -0.62 13.37
C LEU A 105 -2.01 0.86 13.03
N LYS A 106 -1.01 1.49 13.65
CA LYS A 106 -0.70 2.89 13.38
C LYS A 106 0.58 2.96 12.58
N ILE A 107 0.51 3.65 11.44
CA ILE A 107 1.67 4.05 10.67
C ILE A 107 1.78 5.55 10.84
N VAL A 108 2.78 6.00 11.58
CA VAL A 108 2.84 7.38 12.04
C VAL A 108 3.86 8.15 11.23
N THR A 109 3.47 9.35 10.83
CA THR A 109 4.38 10.31 10.19
C THR A 109 4.69 11.39 11.20
N LYS A 110 5.97 11.56 11.50
CA LYS A 110 6.39 12.52 12.52
C LYS A 110 7.37 13.52 11.93
N TRP A 111 7.35 14.71 12.51
CA TRP A 111 8.39 15.71 12.26
C TRP A 111 9.48 15.44 13.30
N GLU A 112 10.61 14.93 12.83
CA GLU A 112 11.68 14.43 13.70
C GLU A 112 13.02 14.78 13.07
N PRO A 113 13.38 16.06 13.02
CA PRO A 113 14.61 16.43 12.31
C PRO A 113 15.87 15.83 12.94
N ASP A 114 15.83 15.51 14.23
CA ASP A 114 16.98 14.93 14.92
C ASP A 114 17.03 13.42 14.82
N TYR A 115 16.12 12.80 14.07
CA TYR A 115 16.21 11.36 13.83
C TYR A 115 17.56 11.03 13.19
N ASP A 116 18.06 9.84 13.50
CA ASP A 116 19.34 9.39 12.97
C ASP A 116 19.12 8.79 11.58
N PHE A 117 18.94 9.68 10.60
CA PHE A 117 18.71 9.23 9.23
C PHE A 117 19.92 8.44 8.74
N ARG A 118 19.65 7.31 8.10
CA ARG A 118 20.72 6.45 7.61
C ARG A 118 20.90 6.62 6.11
N LEU A 119 21.97 6.03 5.60
CA LEU A 119 22.21 6.02 4.17
C LEU A 119 21.44 4.89 3.51
N LYS A 120 21.17 5.08 2.23
CA LYS A 120 20.61 4.02 1.42
C LYS A 120 21.61 2.88 1.33
N PHE A 121 21.13 1.71 0.90
CA PHE A 121 22.03 0.58 0.74
C PHE A 121 23.12 0.85 -0.29
N ASN A 122 22.90 1.79 -1.21
CA ASN A 122 23.91 2.17 -2.18
C ASN A 122 24.88 3.24 -1.67
N GLY A 123 24.77 3.62 -0.40
CA GLY A 123 25.66 4.60 0.19
C GLY A 123 25.21 6.04 0.07
N ASP A 124 24.10 6.31 -0.62
CA ASP A 124 23.66 7.67 -0.84
C ASP A 124 22.87 8.19 0.34
N ASP A 125 22.95 9.50 0.55
CA ASP A 125 22.12 10.20 1.52
C ASP A 125 20.91 10.84 0.87
N HIS A 126 20.49 10.32 -0.28
CA HIS A 126 19.42 10.98 -1.03
C HIS A 126 18.86 10.00 -2.04
N ASP A 127 17.63 10.30 -2.46
CA ASP A 127 17.04 9.71 -3.65
C ASP A 127 17.29 10.62 -4.83
N VAL A 128 17.08 10.11 -6.03
CA VAL A 128 17.14 10.94 -7.23
C VAL A 128 15.72 11.04 -7.77
N VAL A 129 15.19 12.26 -7.81
CA VAL A 129 13.81 12.56 -8.18
C VAL A 129 13.82 13.72 -9.17
N ASN A 130 13.25 13.49 -10.35
CA ASN A 130 13.30 14.45 -11.46
C ASN A 130 14.75 14.87 -11.73
N GLY A 131 15.66 13.92 -11.57
CA GLY A 131 17.08 14.20 -11.74
C GLY A 131 17.73 14.97 -10.62
N GLU A 132 17.02 15.29 -9.54
CA GLU A 132 17.60 16.03 -8.44
C GLU A 132 17.82 15.12 -7.23
N LYS A 133 18.85 15.43 -6.47
CA LYS A 133 19.12 14.74 -5.21
C LYS A 133 18.17 15.27 -4.16
N ILE A 134 17.25 14.42 -3.71
CA ILE A 134 16.34 14.73 -2.61
C ILE A 134 16.89 14.05 -1.36
N TYR A 135 17.34 14.85 -0.41
CA TYR A 135 18.02 14.33 0.77
C TYR A 135 17.03 13.84 1.80
N PHE A 136 17.47 12.87 2.60
CA PHE A 136 16.68 12.39 3.72
C PHE A 136 16.79 13.38 4.87
N GLU A 137 15.64 13.80 5.39
CA GLU A 137 15.63 14.78 6.47
C GLU A 137 14.21 14.98 6.97
N ASN A 138 14.12 15.48 8.21
CA ASN A 138 12.92 16.03 8.84
C ASN A 138 11.78 15.07 9.19
N ILE A 139 11.50 14.08 8.35
CA ILE A 139 10.24 13.33 8.46
C ILE A 139 10.52 11.83 8.61
N THR A 140 9.90 11.22 9.61
CA THR A 140 9.92 9.77 9.74
C THR A 140 8.53 9.22 9.48
N THR A 141 8.48 8.09 8.78
CA THR A 141 7.26 7.34 8.59
C THR A 141 7.54 5.92 9.04
N ALA A 142 6.77 4.96 8.53
CA ALA A 142 7.04 3.55 8.82
C ALA A 142 6.49 2.73 7.68
N ALA A 143 6.91 1.47 7.64
CA ALA A 143 6.35 0.49 6.73
C ALA A 143 6.22 -0.82 7.48
N VAL A 144 5.13 -1.53 7.24
CA VAL A 144 4.90 -2.82 7.86
C VAL A 144 4.61 -3.81 6.74
N ILE A 145 5.33 -4.92 6.71
CA ILE A 145 5.27 -5.89 5.62
C ILE A 145 4.95 -7.27 6.18
N SER A 146 4.06 -7.99 5.52
CA SER A 146 3.82 -9.36 5.96
C SER A 146 5.09 -10.18 5.84
N LYS A 147 5.29 -11.10 6.79
CA LYS A 147 6.41 -12.03 6.69
C LYS A 147 6.06 -13.22 5.81
N LYS A 148 4.77 -13.45 5.57
CA LYS A 148 4.29 -14.51 4.70
C LYS A 148 3.79 -13.92 3.40
N GLN A 149 3.70 -14.77 2.38
CA GLN A 149 3.14 -14.40 1.09
C GLN A 149 1.87 -15.21 0.83
N PHE A 150 1.10 -14.76 -0.15
CA PHE A 150 -0.05 -15.50 -0.63
C PHE A 150 -0.26 -15.16 -2.10
N ARG A 151 -1.04 -15.98 -2.78
CA ARG A 151 -1.39 -15.70 -4.17
C ARG A 151 -2.89 -15.85 -4.33
N TYR A 152 -3.52 -14.74 -4.72
CA TYR A 152 -4.92 -14.57 -5.04
C TYR A 152 -5.75 -14.53 -3.77
N GLY A 153 -6.65 -13.58 -3.66
CA GLY A 153 -7.56 -13.55 -2.54
C GLY A 153 -8.30 -12.25 -2.50
N TYR A 154 -9.23 -12.17 -1.56
CA TYR A 154 -9.97 -10.97 -1.29
C TYR A 154 -9.23 -10.26 -0.15
N MET A 155 -8.66 -9.09 -0.44
CA MET A 155 -8.06 -8.29 0.61
C MET A 155 -8.97 -7.14 1.01
N GLU A 156 -9.31 -7.10 2.28
CA GLU A 156 -10.20 -6.09 2.82
C GLU A 156 -9.48 -5.35 3.93
N ILE A 157 -9.31 -4.05 3.75
CA ILE A 157 -8.64 -3.22 4.74
C ILE A 157 -9.61 -2.14 5.18
N LYS A 158 -9.73 -1.97 6.50
CA LYS A 158 -10.54 -0.90 7.07
C LYS A 158 -9.57 0.11 7.62
N CYS A 159 -9.60 1.32 7.09
CA CYS A 159 -8.53 2.23 7.44
C CYS A 159 -8.98 3.68 7.24
N LYS A 160 -8.18 4.56 7.81
CA LYS A 160 -8.33 6.00 7.72
C LYS A 160 -6.95 6.52 7.38
N SER A 161 -6.86 7.30 6.31
CA SER A 161 -5.54 7.73 5.86
C SER A 161 -5.01 8.84 6.75
N ALA A 162 -3.70 9.02 6.71
CA ALA A 162 -3.07 10.08 7.48
C ALA A 162 -3.49 11.45 6.93
N ASN A 163 -3.89 12.34 7.82
CA ASN A 163 -4.40 13.66 7.44
C ASN A 163 -3.24 14.65 7.32
N ALA A 164 -2.42 14.43 6.30
CA ALA A 164 -1.28 15.29 6.02
C ALA A 164 -0.87 15.07 4.58
N PRO A 165 0.03 15.91 4.03
CA PRO A 165 0.57 15.66 2.69
C PRO A 165 1.58 14.52 2.74
N ILE A 166 1.07 13.32 2.98
CA ILE A 166 1.88 12.13 3.10
C ILE A 166 1.02 10.99 2.55
N THR A 167 1.68 9.98 1.98
CA THR A 167 0.86 8.89 1.49
C THR A 167 0.40 8.01 2.63
N SER A 168 -0.70 7.31 2.37
CA SER A 168 -1.11 6.14 3.15
C SER A 168 -1.37 5.08 2.10
N SER A 169 -0.58 4.02 2.11
CA SER A 169 -0.62 3.07 1.01
C SER A 169 -0.78 1.64 1.49
N PHE A 170 -1.31 0.84 0.58
CA PHE A 170 -1.62 -0.57 0.80
C PHE A 170 -1.21 -1.25 -0.49
N TRP A 171 -0.20 -2.11 -0.43
CA TRP A 171 0.42 -2.56 -1.68
C TRP A 171 1.12 -3.90 -1.48
N THR A 172 1.62 -4.43 -2.57
CA THR A 172 2.26 -5.74 -2.58
C THR A 172 3.56 -5.66 -3.34
N THR A 173 4.46 -6.58 -3.03
CA THR A 173 5.60 -6.87 -3.88
C THR A 173 5.77 -8.37 -4.01
N GLY A 174 6.40 -8.76 -5.11
CA GLY A 174 6.95 -10.10 -5.24
C GLY A 174 8.35 -9.99 -5.78
N LYS A 175 9.18 -10.96 -5.37
CA LYS A 175 10.60 -10.97 -5.74
C LYS A 175 10.77 -11.08 -7.25
N ASN A 176 11.30 -10.03 -7.87
CA ASN A 176 11.59 -9.98 -9.30
C ASN A 176 10.36 -10.22 -10.16
N THR A 177 9.18 -9.95 -9.63
CA THR A 177 7.98 -10.15 -10.43
C THR A 177 7.26 -8.83 -10.64
N SER A 178 6.50 -8.38 -9.64
CA SER A 178 5.67 -7.22 -9.85
C SER A 178 5.27 -6.63 -8.52
N GLU A 179 4.57 -5.50 -8.59
CA GLU A 179 4.08 -4.79 -7.42
C GLU A 179 2.71 -4.27 -7.79
N MET A 180 1.73 -4.56 -6.94
CA MET A 180 0.40 -4.01 -7.07
C MET A 180 0.21 -3.00 -5.96
N ASP A 181 0.03 -1.73 -6.33
CA ASP A 181 -0.33 -0.71 -5.36
C ASP A 181 -1.85 -0.67 -5.35
N MET A 182 -2.46 -1.37 -4.41
CA MET A 182 -3.92 -1.35 -4.30
C MET A 182 -4.40 0.06 -4.04
N PHE A 183 -3.71 0.79 -3.17
CA PHE A 183 -3.92 2.23 -3.16
C PHE A 183 -2.70 2.97 -2.64
N GLU A 184 -2.51 4.15 -3.19
CA GLU A 184 -1.74 5.21 -2.56
C GLU A 184 -2.76 6.30 -2.29
N MET A 185 -3.04 6.57 -1.02
CA MET A 185 -3.88 7.69 -0.66
C MET A 185 -2.98 8.86 -0.30
N PHE A 186 -3.54 10.07 -0.34
CA PHE A 186 -2.82 11.28 0.07
C PHE A 186 -3.85 12.12 0.80
N GLY A 187 -4.10 11.75 2.06
CA GLY A 187 -5.34 12.18 2.70
C GLY A 187 -5.38 13.66 3.00
N GLY A 188 -4.23 14.28 3.19
CA GLY A 188 -4.21 15.66 3.61
C GLY A 188 -3.69 16.57 2.52
N HIS A 189 -3.91 16.21 1.26
CA HIS A 189 -3.51 17.08 0.16
C HIS A 189 -4.04 18.48 0.40
N LYS A 190 -3.14 19.46 0.33
CA LYS A 190 -3.51 20.82 0.68
C LYS A 190 -4.35 21.53 -0.37
N THR A 191 -4.29 21.10 -1.63
CA THR A 191 -4.89 21.88 -2.69
C THR A 191 -5.72 21.08 -3.68
N ASN A 192 -5.80 19.76 -3.52
CA ASN A 192 -6.48 18.93 -4.50
C ASN A 192 -7.51 18.08 -3.78
N ASP A 193 -8.78 18.44 -3.92
CA ASP A 193 -9.84 17.72 -3.22
C ASP A 193 -10.05 16.33 -3.79
N SER A 194 -9.77 16.14 -5.09
CA SER A 194 -9.87 14.81 -5.67
C SER A 194 -8.87 13.87 -5.02
N TRP A 195 -7.65 14.34 -4.79
CA TRP A 195 -6.63 13.52 -4.13
C TRP A 195 -7.08 13.10 -2.73
N ARG A 196 -7.81 13.97 -2.03
CA ARG A 196 -8.30 13.59 -0.70
C ARG A 196 -9.28 12.45 -0.76
N LYS A 197 -9.88 12.22 -1.92
CA LYS A 197 -10.82 11.12 -2.12
C LYS A 197 -10.24 10.04 -3.03
N ARG A 198 -8.93 10.07 -3.24
CA ARG A 198 -8.30 9.23 -4.26
C ARG A 198 -7.54 8.05 -3.67
N LEU A 199 -7.67 6.93 -4.35
CA LEU A 199 -6.86 5.74 -4.14
C LEU A 199 -6.10 5.55 -5.46
N LYS A 200 -4.86 6.00 -5.53
CA LYS A 200 -4.10 5.76 -6.75
C LYS A 200 -3.71 4.30 -6.81
N PHE A 201 -4.10 3.62 -7.88
CA PHE A 201 -3.87 2.20 -8.06
C PHE A 201 -2.84 2.01 -9.16
N ASN A 202 -1.81 1.22 -8.90
CA ASN A 202 -0.78 0.96 -9.90
C ASN A 202 -0.48 -0.51 -9.97
N ILE A 203 -0.06 -0.96 -11.14
CA ILE A 203 0.58 -2.26 -11.29
C ILE A 203 1.92 -2.01 -11.96
N ILE A 204 2.98 -2.50 -11.34
CA ILE A 204 4.36 -2.25 -11.76
C ILE A 204 5.04 -3.58 -12.02
N SER A 205 5.78 -3.66 -13.12
CA SER A 205 6.58 -4.83 -13.42
C SER A 205 8.00 -4.64 -12.90
N TRP A 206 8.49 -5.60 -12.11
CA TRP A 206 9.85 -5.59 -11.62
C TRP A 206 10.67 -6.70 -12.23
N ASP A 207 10.25 -7.19 -13.40
CA ASP A 207 10.90 -8.28 -14.11
C ASP A 207 11.63 -7.73 -15.32
N PRO A 208 12.97 -7.71 -15.32
CA PRO A 208 13.70 -7.13 -16.47
C PRO A 208 13.44 -7.84 -17.78
N ASN A 209 12.96 -9.08 -17.75
CA ASN A 209 12.57 -9.78 -18.97
C ASN A 209 11.27 -9.25 -19.56
N ASN A 210 10.49 -8.54 -18.81
CA ASN A 210 9.18 -8.10 -19.26
C ASN A 210 9.31 -6.78 -20.01
N PRO A 211 8.72 -6.64 -21.21
CA PRO A 211 8.79 -5.35 -21.91
C PRO A 211 8.21 -4.19 -21.12
N ASN A 212 7.43 -4.46 -20.08
CA ASN A 212 6.82 -3.41 -19.27
C ASN A 212 7.58 -3.17 -17.98
N TYR A 213 8.76 -3.78 -17.85
CA TYR A 213 9.65 -3.57 -16.71
C TYR A 213 9.76 -2.10 -16.38
N PHE A 214 9.62 -1.77 -15.09
CA PHE A 214 9.63 -0.38 -14.66
C PHE A 214 10.87 0.36 -15.14
N ASN A 215 12.03 -0.29 -15.14
CA ASN A 215 13.23 0.43 -15.52
C ASN A 215 13.44 0.43 -17.02
N LYS A 216 12.48 -0.07 -17.79
CA LYS A 216 12.45 0.16 -19.23
C LYS A 216 11.46 1.26 -19.59
N ILE A 217 10.23 1.18 -19.09
CA ILE A 217 9.20 2.15 -19.45
C ILE A 217 9.07 3.29 -18.43
N ASN A 218 9.76 3.20 -17.29
CA ASN A 218 9.79 4.29 -16.32
C ASN A 218 8.39 4.70 -15.88
N GLY A 219 7.60 3.69 -15.53
CA GLY A 219 6.24 3.90 -15.12
C GLY A 219 5.55 2.57 -14.94
N PRO A 220 4.28 2.61 -14.53
CA PRO A 220 3.54 1.37 -14.30
C PRO A 220 3.04 0.73 -15.59
N VAL A 221 2.82 -0.58 -15.50
CA VAL A 221 2.08 -1.30 -16.54
C VAL A 221 0.68 -0.73 -16.69
N PHE A 222 0.08 -0.37 -15.57
CA PHE A 222 -1.30 0.09 -15.54
C PHE A 222 -1.48 0.98 -14.32
N THR A 223 -2.25 2.05 -14.47
CA THR A 223 -2.60 2.88 -13.33
C THR A 223 -4.00 3.43 -13.53
N GLN A 224 -4.69 3.65 -12.41
CA GLN A 224 -5.97 4.34 -12.45
C GLN A 224 -6.16 5.06 -11.13
N ASN A 225 -6.95 6.13 -11.18
CA ASN A 225 -7.31 6.89 -9.99
C ASN A 225 -8.68 6.40 -9.53
N ILE A 226 -8.67 5.55 -8.50
CA ILE A 226 -9.92 5.15 -7.87
C ILE A 226 -10.42 6.32 -7.03
N GLN A 227 -11.62 6.81 -7.34
CA GLN A 227 -12.21 7.92 -6.63
C GLN A 227 -13.40 7.42 -5.83
N VAL A 228 -13.40 7.70 -4.54
CA VAL A 228 -14.47 7.27 -3.65
C VAL A 228 -15.20 8.50 -3.15
N GLY A 229 -16.34 8.26 -2.49
CA GLY A 229 -17.24 9.37 -2.22
C GLY A 229 -16.84 10.26 -1.05
N ASN A 230 -15.95 9.78 -0.19
CA ASN A 230 -15.63 10.46 1.06
C ASN A 230 -14.13 10.63 1.18
N ASN A 231 -13.72 11.68 1.89
CA ASN A 231 -12.30 11.91 2.12
C ASN A 231 -11.69 10.72 2.85
N THR A 232 -10.56 10.22 2.33
CA THR A 232 -9.97 9.02 2.93
C THR A 232 -9.45 9.29 4.33
N ALA A 233 -9.14 10.53 4.67
CA ALA A 233 -8.66 10.87 6.01
C ALA A 233 -9.77 11.26 6.96
N GLY A 234 -11.01 11.34 6.48
CA GLY A 234 -12.09 11.86 7.30
C GLY A 234 -12.71 10.84 8.24
N ASP A 235 -12.58 9.56 7.93
CA ASP A 235 -13.19 8.50 8.71
C ASP A 235 -12.61 7.17 8.23
N PHE A 236 -12.88 6.13 9.00
CA PHE A 236 -12.55 4.79 8.55
C PHE A 236 -13.52 4.34 7.47
N HIS A 237 -12.98 3.69 6.45
CA HIS A 237 -13.80 3.07 5.43
C HIS A 237 -13.22 1.70 5.14
N VAL A 238 -14.00 0.89 4.45
CA VAL A 238 -13.64 -0.48 4.16
C VAL A 238 -13.34 -0.58 2.67
N TYR A 239 -12.10 -0.93 2.33
CA TYR A 239 -11.68 -1.03 0.95
C TYR A 239 -11.38 -2.49 0.64
N GLY A 240 -11.99 -3.00 -0.42
CA GLY A 240 -11.83 -4.40 -0.80
C GLY A 240 -11.17 -4.51 -2.15
N PHE A 241 -10.24 -5.45 -2.26
CA PHE A 241 -9.56 -5.73 -3.52
C PHE A 241 -9.61 -7.23 -3.73
N ASP A 242 -10.37 -7.65 -4.75
CA ASP A 242 -10.51 -9.06 -5.09
C ASP A 242 -9.53 -9.36 -6.20
N TRP A 243 -8.48 -10.10 -5.87
CA TRP A 243 -7.36 -10.36 -6.76
C TRP A 243 -7.43 -11.82 -7.20
N THR A 244 -7.65 -12.04 -8.49
CA THR A 244 -7.67 -13.38 -9.05
C THR A 244 -6.72 -13.45 -10.24
N ALA A 245 -6.65 -14.63 -10.84
CA ALA A 245 -5.78 -14.80 -12.00
C ALA A 245 -6.30 -14.05 -13.22
N ASP A 246 -7.56 -13.65 -13.24
CA ASP A 246 -8.19 -13.12 -14.43
C ASP A 246 -8.78 -11.74 -14.27
N TYR A 247 -8.86 -11.23 -13.03
CA TYR A 247 -9.44 -9.92 -12.84
C TYR A 247 -9.03 -9.41 -11.47
N ILE A 248 -9.07 -8.09 -11.33
CA ILE A 248 -8.94 -7.42 -10.04
C ILE A 248 -10.13 -6.48 -9.91
N LYS A 249 -10.86 -6.59 -8.80
CA LYS A 249 -12.03 -5.75 -8.58
C LYS A 249 -11.86 -4.96 -7.29
N VAL A 250 -12.54 -3.82 -7.24
CA VAL A 250 -12.41 -2.85 -6.16
C VAL A 250 -13.77 -2.62 -5.54
N TYR A 251 -13.81 -2.64 -4.20
CA TYR A 251 -15.03 -2.47 -3.43
C TYR A 251 -14.82 -1.36 -2.42
N TYR A 252 -15.86 -0.56 -2.20
CA TYR A 252 -15.82 0.53 -1.24
C TYR A 252 -17.01 0.41 -0.30
N ASP A 253 -16.73 0.27 0.99
CA ASP A 253 -17.79 0.12 1.99
C ASP A 253 -18.81 -0.94 1.55
N GLY A 254 -18.30 -2.03 1.00
CA GLY A 254 -19.10 -3.18 0.64
C GLY A 254 -19.70 -3.17 -0.74
N VAL A 255 -19.45 -2.12 -1.53
CA VAL A 255 -20.12 -1.94 -2.82
C VAL A 255 -19.07 -1.99 -3.91
N LEU A 256 -19.31 -2.83 -4.92
CA LEU A 256 -18.44 -2.86 -6.07
C LEU A 256 -18.35 -1.49 -6.75
N LEU A 257 -17.13 -1.10 -7.12
CA LEU A 257 -16.89 0.06 -7.97
C LEU A 257 -16.56 -0.45 -9.37
N PRO A 258 -17.57 -0.74 -10.19
CA PRO A 258 -17.27 -1.44 -11.45
C PRO A 258 -16.45 -0.62 -12.44
N GLU A 259 -16.39 0.71 -12.27
CA GLU A 259 -15.60 1.52 -13.19
C GLU A 259 -14.13 1.18 -13.11
N TYR A 260 -13.68 0.55 -12.03
CA TYR A 260 -12.26 0.31 -11.79
C TYR A 260 -11.87 -1.15 -11.97
N THR A 261 -12.76 -1.99 -12.48
CA THR A 261 -12.44 -3.39 -12.69
C THR A 261 -11.33 -3.54 -13.72
N ILE A 262 -10.39 -4.42 -13.43
CA ILE A 262 -9.29 -4.73 -14.34
C ILE A 262 -9.49 -6.16 -14.82
N LEU A 263 -9.56 -6.35 -16.13
CA LEU A 263 -9.70 -7.67 -16.72
C LEU A 263 -8.45 -8.07 -17.45
N LYS A 264 -8.04 -9.33 -17.26
CA LYS A 264 -6.87 -9.82 -18.01
C LYS A 264 -7.12 -9.75 -19.51
N SER A 265 -8.34 -10.08 -19.94
CA SER A 265 -8.60 -10.07 -21.38
C SER A 265 -8.45 -8.69 -21.97
N GLU A 266 -8.71 -7.64 -21.19
CA GLU A 266 -8.52 -6.28 -21.67
C GLU A 266 -7.06 -5.85 -21.59
N LEU A 267 -6.41 -6.07 -20.43
CA LEU A 267 -5.04 -5.61 -20.29
C LEU A 267 -4.11 -6.31 -21.29
N THR A 268 -4.38 -7.58 -21.59
CA THR A 268 -3.56 -8.34 -22.53
C THR A 268 -4.09 -8.31 -23.96
N ASN A 269 -5.21 -7.63 -24.21
CA ASN A 269 -5.90 -7.66 -25.52
C ASN A 269 -6.12 -9.10 -26.00
N ASN A 270 -6.88 -9.84 -25.20
CA ASN A 270 -7.26 -11.23 -25.49
C ASN A 270 -6.04 -12.12 -25.67
N ASN A 271 -5.11 -12.03 -24.71
CA ASN A 271 -3.93 -12.88 -24.61
C ASN A 271 -2.96 -12.67 -25.77
N THR A 272 -3.11 -11.59 -26.54
CA THR A 272 -2.13 -11.25 -27.56
C THR A 272 -0.97 -10.45 -27.00
N ASN A 273 -1.16 -9.79 -25.85
CA ASN A 273 -0.10 -9.08 -25.13
C ASN A 273 0.02 -9.64 -23.72
N PRO A 274 0.44 -10.89 -23.58
CA PRO A 274 0.38 -11.56 -22.27
C PRO A 274 1.25 -10.88 -21.23
N ASP A 275 2.29 -10.19 -21.66
CA ASP A 275 3.22 -9.58 -20.73
C ASP A 275 2.61 -8.41 -19.97
N LYS A 276 1.43 -7.94 -20.36
CA LYS A 276 0.78 -6.88 -19.62
C LYS A 276 0.10 -7.39 -18.35
N TRP A 277 0.01 -8.71 -18.16
CA TRP A 277 -0.61 -9.29 -16.99
C TRP A 277 0.51 -9.84 -16.11
N VAL A 278 0.84 -9.12 -15.05
CA VAL A 278 2.04 -9.44 -14.27
C VAL A 278 1.72 -9.77 -12.83
N THR A 279 0.43 -9.85 -12.47
CA THR A 279 0.03 -10.02 -11.08
C THR A 279 -0.15 -11.49 -10.67
N ASP A 280 0.23 -12.45 -11.52
CA ASP A 280 0.20 -13.86 -11.12
C ASP A 280 1.49 -14.20 -10.38
N SER A 281 1.58 -13.71 -9.15
CA SER A 281 2.80 -13.85 -8.36
C SER A 281 2.38 -13.99 -6.90
N ASP A 282 3.17 -14.73 -6.13
CA ASP A 282 3.06 -14.61 -4.68
C ASP A 282 3.43 -13.20 -4.27
N TYR A 283 2.71 -12.68 -3.27
CA TYR A 283 2.92 -11.31 -2.83
C TYR A 283 3.06 -11.23 -1.32
N TRP A 284 3.98 -10.38 -0.87
CA TRP A 284 3.93 -9.80 0.45
C TRP A 284 3.00 -8.59 0.44
N ILE A 285 2.33 -8.34 1.57
CA ILE A 285 1.48 -7.16 1.75
C ILE A 285 2.23 -6.10 2.55
N TRP A 286 2.15 -4.86 2.09
CA TRP A 286 2.75 -3.72 2.76
C TRP A 286 1.68 -2.71 3.16
N PHE A 287 1.88 -2.09 4.32
CA PHE A 287 1.22 -0.83 4.66
C PHE A 287 2.35 0.17 4.87
N ASP A 288 2.23 1.37 4.28
CA ASP A 288 3.24 2.35 4.67
C ASP A 288 2.75 3.76 4.40
N SER A 289 3.58 4.71 4.83
CA SER A 289 3.42 6.12 4.52
C SER A 289 4.76 6.63 4.04
N GLU A 290 4.72 7.52 3.05
CA GLU A 290 5.93 7.98 2.39
C GLU A 290 5.71 9.45 2.02
N THR A 291 6.80 10.22 1.95
CA THR A 291 6.73 11.49 1.25
C THR A 291 6.77 11.25 -0.26
N PHE A 292 5.84 11.86 -0.98
CA PHE A 292 5.84 11.95 -2.44
C PHE A 292 6.14 13.42 -2.73
N PRO A 293 7.41 13.79 -2.85
CA PRO A 293 7.74 15.23 -2.87
C PRO A 293 7.05 15.99 -3.99
N TRP A 294 6.77 15.32 -5.11
CA TRP A 294 6.14 16.00 -6.23
C TRP A 294 4.67 16.33 -5.95
N LEU A 295 4.05 15.67 -4.97
CA LEU A 295 2.68 16.04 -4.60
C LEU A 295 2.71 17.10 -3.52
N GLY A 296 3.54 16.90 -2.53
CA GLY A 296 3.59 17.82 -1.41
C GLY A 296 4.57 17.30 -0.39
N ILE A 297 4.90 18.17 0.55
CA ILE A 297 5.74 17.78 1.68
C ILE A 297 5.06 18.35 2.91
N PRO A 298 4.85 17.56 3.96
CA PRO A 298 4.18 18.12 5.14
C PRO A 298 5.02 19.18 5.81
N LYS A 299 4.35 20.14 6.41
CA LYS A 299 4.98 21.05 7.35
C LYS A 299 4.94 20.43 8.74
N GLU A 300 5.84 20.89 9.63
CA GLU A 300 5.77 20.38 10.99
C GLU A 300 4.37 20.55 11.57
N GLU A 301 3.71 21.66 11.22
CA GLU A 301 2.37 21.94 11.72
C GLU A 301 1.35 20.88 11.33
N ASP A 302 1.64 20.10 10.29
CA ASP A 302 0.74 19.04 9.85
C ASP A 302 0.91 17.75 10.62
N LEU A 303 1.93 17.66 11.45
CA LEU A 303 2.39 16.41 12.01
C LEU A 303 2.33 16.47 13.53
N PRO A 304 2.19 15.32 14.20
CA PRO A 304 2.18 13.98 13.64
C PRO A 304 0.86 13.67 12.97
N ALA A 305 0.91 12.74 12.04
CA ALA A 305 -0.28 12.25 11.39
C ALA A 305 -0.23 10.73 11.39
N GLU A 306 -1.41 10.13 11.31
CA GLU A 306 -1.56 8.69 11.48
C GLU A 306 -2.38 8.06 10.37
N TYR A 307 -1.77 7.06 9.74
CA TYR A 307 -2.48 6.14 8.88
C TYR A 307 -2.91 4.99 9.77
N GLN A 308 -4.22 4.84 9.95
CA GLN A 308 -4.76 3.95 10.97
C GLN A 308 -5.44 2.80 10.26
N ILE A 309 -5.05 1.57 10.60
CA ILE A 309 -5.60 0.38 9.98
C ILE A 309 -6.34 -0.41 11.04
N GLU A 310 -7.67 -0.37 11.00
CA GLU A 310 -8.46 -1.12 11.96
C GLU A 310 -8.27 -2.63 11.79
N TYR A 311 -8.19 -3.11 10.56
CA TYR A 311 -7.95 -4.53 10.33
C TYR A 311 -7.51 -4.75 8.90
N LEU A 312 -6.86 -5.89 8.68
CA LEU A 312 -6.70 -6.47 7.36
C LEU A 312 -7.28 -7.86 7.39
N ARG A 313 -8.23 -8.13 6.51
CA ARG A 313 -8.78 -9.48 6.35
C ARG A 313 -8.45 -9.93 4.94
N VAL A 314 -7.75 -11.05 4.83
CA VAL A 314 -7.38 -11.63 3.55
C VAL A 314 -8.04 -13.00 3.50
N TRP A 315 -9.00 -13.18 2.59
CA TRP A 315 -9.63 -14.48 2.39
C TRP A 315 -9.14 -15.10 1.11
N GLN A 316 -9.13 -16.43 1.09
CA GLN A 316 -8.94 -17.15 -0.16
C GLN A 316 -10.05 -18.18 -0.30
N LYS A 317 -10.23 -18.62 -1.54
CA LYS A 317 -11.36 -19.50 -1.83
C LYS A 317 -11.11 -20.88 -1.22
N ASN A 318 -12.17 -21.48 -0.70
CA ASN A 318 -12.09 -22.85 -0.20
C ASN A 318 -11.85 -23.84 -1.34
#